data_2PNZ
#
_entry.id   2PNZ
#
_cell.length_a   93.810
_cell.length_b   93.810
_cell.length_c   126.260
_cell.angle_alpha   90.00
_cell.angle_beta   90.00
_cell.angle_gamma   120.00
#
_symmetry.space_group_name_H-M   'P 3 2 1'
#
loop_
_entity.id
_entity.type
_entity.pdbx_description
1 polymer 'Probable exosome complex exonuclease 1'
2 polymer 'Probable exosome complex exonuclease 2'
3 non-polymer "URIDINE-5'-DIPHOSPHATE"
4 non-polymer "GUANOSINE-5'-MONOPHOSPHATE"
5 non-polymer (4S)-2-METHYL-2,4-PENTANEDIOL
6 water water
#
loop_
_entity_poly.entity_id
_entity_poly.type
_entity_poly.pdbx_seq_one_letter_code
_entity_poly.pdbx_strand_id
1 'polypeptide(L)'
;MMEKPEGLKLIDENGRRIDGRKKYELRPIKMEVGVLKNANGSAYIEWGKNKIIAAVYGPRELHPKHLQRPDRAILRVRYN
MAPFSVEERKKPGPDRRSIEISKVIKGALEPALILEMFPRTAIDVFIEVLQADAGTRVAGITAASLALADAGIPMRDLVA
ACAAGKIEGEIVLDLNKEEDNYGEADVPVAIMPLKNDITLLQMDGYLTKDEFIEAVKLAIKGAKAVYQKQREALKEKYLK
IAQEVEGSE
;
A
2 'polypeptide(L)'
;GSHMSDNEIVAGIMRDHIINLLKEGKRIDDRGFEDYRPIEIEVGVIEKAEGSALVKLGSTQVLVGIKTSLGEPFPDTPNM
GVMTTNVELVPLASPTFEPGPPDERAIELARVIDRGIRESKALNLEKMVIVPGKIVRVVFIDVHVLDHDGNLMDAIGIAA
IAALLNARVPKVRYNEETGEVETLDETEPLPVEKIPVPVTFAKIGNILVVDPSLDEELVMDGKITITTDETGHISAVQKS
EGGAFKLEEVMYAVETAFKKAEEIRKLILEAVEKAKQ
;
B
#
# COMPACT_ATOMS: atom_id res chain seq x y z
N LYS A 9 19.82 20.01 18.18
CA LYS A 9 20.94 19.14 18.63
C LYS A 9 21.07 17.80 17.85
N LEU A 10 22.03 17.69 16.90
CA LEU A 10 22.41 18.79 15.96
C LEU A 10 22.09 18.39 14.48
N ILE A 11 21.06 19.04 13.90
CA ILE A 11 20.56 18.70 12.57
C ILE A 11 21.45 19.13 11.37
N ASP A 12 22.36 20.08 11.62
CA ASP A 12 23.42 20.52 10.68
C ASP A 12 24.79 20.56 11.37
N GLU A 13 25.69 19.67 10.95
CA GLU A 13 27.12 19.66 11.30
C GLU A 13 27.86 18.45 10.70
N ASN A 14 28.76 18.71 9.75
CA ASN A 14 29.36 20.05 9.54
C ASN A 14 29.94 20.31 8.13
N GLY A 15 29.22 20.95 7.18
CA GLY A 15 27.80 21.38 7.26
C GLY A 15 26.91 20.27 6.69
N ARG A 16 27.17 19.08 7.22
CA ARG A 16 26.51 17.86 6.84
C ARG A 16 25.29 17.64 7.73
N ARG A 17 24.25 17.12 7.12
CA ARG A 17 23.07 16.81 7.89
C ARG A 17 23.15 15.35 8.34
N ILE A 18 22.13 14.88 9.07
CA ILE A 18 22.26 13.62 9.81
C ILE A 18 22.55 12.41 8.93
N ASP A 19 21.99 12.40 7.74
CA ASP A 19 22.19 11.35 6.75
C ASP A 19 23.37 11.62 5.82
N GLY A 20 23.98 12.79 5.99
CA GLY A 20 25.22 13.13 5.29
C GLY A 20 25.04 14.19 4.20
N ARG A 21 23.79 14.64 4.04
CA ARG A 21 23.49 15.59 2.96
C ARG A 21 23.94 16.97 3.35
N LYS A 22 24.46 17.65 2.37
CA LYS A 22 24.70 19.05 2.47
C LYS A 22 23.34 19.76 2.54
N LYS A 23 23.36 21.03 2.86
CA LYS A 23 22.13 21.82 3.01
C LYS A 23 21.21 21.73 1.80
N TYR A 24 21.79 21.69 0.59
CA TYR A 24 20.96 21.82 -0.60
C TYR A 24 20.89 20.57 -1.44
N GLU A 25 21.16 19.44 -0.81
CA GLU A 25 21.07 18.13 -1.44
C GLU A 25 19.71 17.49 -1.23
N LEU A 26 19.24 16.72 -2.20
CA LEU A 26 18.00 15.97 -2.08
C LEU A 26 18.27 14.56 -1.68
N ARG A 27 17.28 13.96 -1.01
CA ARG A 27 17.30 12.57 -0.62
C ARG A 27 17.31 11.69 -1.86
N PRO A 28 17.82 10.45 -1.77
CA PRO A 28 17.72 9.63 -3.01
C PRO A 28 16.27 9.48 -3.52
N ILE A 29 16.07 9.77 -4.81
CA ILE A 29 14.77 9.67 -5.41
C ILE A 29 14.79 8.72 -6.57
N LYS A 30 13.91 7.71 -6.52
CA LYS A 30 13.70 6.81 -7.64
C LYS A 30 12.21 6.88 -8.09
N MET A 31 11.96 6.85 -9.40
CA MET A 31 10.57 6.87 -9.89
C MET A 31 10.30 5.96 -11.05
N GLU A 32 9.18 5.25 -10.94
CA GLU A 32 8.73 4.34 -11.95
C GLU A 32 7.28 4.66 -12.33
N VAL A 33 6.97 4.56 -13.59
CA VAL A 33 5.66 4.82 -14.09
C VAL A 33 5.10 3.48 -14.58
N GLY A 34 3.79 3.35 -14.56
CA GLY A 34 3.20 2.14 -15.08
C GLY A 34 3.38 0.98 -14.13
N VAL A 35 2.97 1.16 -12.86
CA VAL A 35 3.16 0.08 -11.86
C VAL A 35 1.90 -0.68 -11.50
N LEU A 36 0.78 -0.26 -12.07
CA LEU A 36 -0.51 -0.86 -11.74
C LEU A 36 -1.23 -1.24 -12.99
N LYS A 37 -1.99 -2.35 -12.90
CA LYS A 37 -2.71 -2.87 -14.02
C LYS A 37 -4.06 -2.16 -14.11
N ASN A 38 -4.76 -2.02 -12.97
CA ASN A 38 -6.10 -1.45 -12.94
C ASN A 38 -6.12 0.06 -13.21
N ALA A 39 -5.27 0.77 -12.52
CA ALA A 39 -5.21 2.22 -12.75
C ALA A 39 -5.08 2.59 -14.26
N ASN A 40 -5.69 3.70 -14.66
CA ASN A 40 -5.37 4.24 -15.99
C ASN A 40 -3.92 4.69 -16.16
N GLY A 41 -3.38 5.34 -15.14
CA GLY A 41 -1.96 5.68 -15.11
C GLY A 41 -1.50 5.49 -13.68
N SER A 42 -0.22 5.29 -13.49
CA SER A 42 0.30 5.08 -12.14
C SER A 42 1.77 5.35 -12.12
N ALA A 43 2.28 5.64 -10.93
CA ALA A 43 3.69 5.92 -10.81
C ALA A 43 3.97 5.50 -9.38
N TYR A 44 5.23 5.18 -9.13
CA TYR A 44 5.69 4.83 -7.82
C TYR A 44 6.86 5.68 -7.50
N ILE A 45 6.95 6.10 -6.24
CA ILE A 45 8.11 6.94 -5.92
C ILE A 45 8.79 6.54 -4.61
N GLU A 46 10.11 6.43 -4.62
CA GLU A 46 10.89 6.33 -3.40
C GLU A 46 11.65 7.58 -3.34
N TRP A 47 11.28 8.42 -2.40
CA TRP A 47 11.91 9.70 -2.16
C TRP A 47 12.32 9.70 -0.67
N GLY A 48 13.54 9.30 -0.42
CA GLY A 48 13.97 9.03 0.90
C GLY A 48 13.52 7.67 1.31
N LYS A 49 13.22 7.58 2.57
CA LYS A 49 12.19 6.74 3.11
C LYS A 49 10.72 6.88 2.74
N ASN A 50 10.32 7.89 2.00
CA ASN A 50 9.03 7.83 1.33
C ASN A 50 8.91 6.71 0.33
N LYS A 51 7.77 6.06 0.32
CA LYS A 51 7.46 5.08 -0.69
C LYS A 51 6.02 5.36 -0.96
N ILE A 52 5.75 5.95 -2.11
CA ILE A 52 4.40 6.42 -2.45
C ILE A 52 3.95 5.94 -3.79
N ILE A 53 2.71 5.48 -3.85
CA ILE A 53 2.17 5.03 -5.09
C ILE A 53 1.05 5.93 -5.46
N ALA A 54 1.00 6.27 -6.74
CA ALA A 54 -0.04 7.17 -7.26
C ALA A 54 -0.72 6.46 -8.42
N ALA A 55 -2.05 6.48 -8.46
CA ALA A 55 -2.87 5.86 -9.50
C ALA A 55 -3.82 6.92 -10.04
N VAL A 56 -4.16 6.88 -11.33
CA VAL A 56 -5.17 7.77 -11.95
C VAL A 56 -6.20 6.93 -12.66
N TYR A 57 -7.49 7.29 -12.47
CA TYR A 57 -8.60 6.83 -13.28
C TYR A 57 -9.34 8.10 -13.75
N GLY A 58 -9.77 8.34 -14.99
CA GLY A 58 -9.52 7.74 -16.23
C GLY A 58 -9.06 8.88 -17.12
N PRO A 59 -9.96 9.77 -17.66
CA PRO A 59 -11.29 10.33 -17.37
C PRO A 59 -12.42 9.37 -17.46
N ARG A 60 -13.33 9.44 -16.49
CA ARG A 60 -14.39 8.49 -16.41
C ARG A 60 -15.69 9.16 -16.06
N GLU A 61 -16.75 8.41 -16.35
CA GLU A 61 -18.09 8.66 -15.85
C GLU A 61 -18.05 9.16 -14.43
N LEU A 62 -18.29 10.47 -14.23
CA LEU A 62 -18.61 11.02 -12.90
C LEU A 62 -19.97 10.38 -12.69
N HIS A 63 -20.13 9.52 -11.69
CA HIS A 63 -20.94 9.80 -10.49
C HIS A 63 -20.69 10.43 -9.08
N PRO A 64 -21.74 11.08 -8.59
CA PRO A 64 -23.01 11.15 -9.32
C PRO A 64 -23.16 12.36 -10.19
N LYS A 65 -24.06 12.29 -11.15
CA LYS A 65 -24.13 13.29 -12.18
C LYS A 65 -23.99 14.69 -11.64
N HIS A 66 -24.73 14.97 -10.59
CA HIS A 66 -25.02 16.33 -10.28
C HIS A 66 -23.69 16.99 -10.00
N LEU A 67 -22.63 16.19 -10.11
CA LEU A 67 -21.29 16.65 -9.92
C LEU A 67 -20.67 17.04 -11.22
N GLN A 68 -21.26 16.60 -12.32
CA GLN A 68 -20.60 16.78 -13.56
C GLN A 68 -20.52 18.23 -13.75
N ARG A 69 -19.47 18.65 -14.42
CA ARG A 69 -19.36 20.01 -14.95
C ARG A 69 -19.50 20.00 -16.48
N PRO A 70 -20.35 20.91 -17.03
CA PRO A 70 -20.79 20.78 -18.42
C PRO A 70 -19.68 21.00 -19.46
N ASP A 71 -18.66 21.74 -19.06
CA ASP A 71 -17.58 22.17 -19.94
C ASP A 71 -16.21 21.50 -19.69
N ARG A 72 -16.07 20.84 -18.54
CA ARG A 72 -14.80 20.31 -18.11
C ARG A 72 -14.95 19.09 -17.21
N ALA A 73 -13.96 18.21 -17.30
CA ALA A 73 -13.64 17.18 -16.27
C ALA A 73 -13.47 17.84 -14.90
N ILE A 74 -13.73 17.09 -13.83
CA ILE A 74 -13.23 17.48 -12.52
C ILE A 74 -12.06 16.62 -12.08
N LEU A 75 -11.21 17.18 -11.24
CA LEU A 75 -10.09 16.46 -10.70
C LEU A 75 -10.44 16.15 -9.26
N ARG A 76 -10.34 14.90 -8.85
CA ARG A 76 -10.59 14.53 -7.47
C ARG A 76 -9.32 13.91 -7.03
N VAL A 77 -8.88 14.29 -5.82
CA VAL A 77 -7.65 13.75 -5.31
C VAL A 77 -7.87 13.14 -3.97
N ARG A 78 -7.25 12.00 -3.78
CA ARG A 78 -7.25 11.43 -2.49
C ARG A 78 -5.90 10.95 -2.07
N TYR A 79 -5.37 11.62 -1.08
CA TYR A 79 -4.12 11.35 -0.43
C TYR A 79 -4.46 10.57 0.87
N ASN A 80 -3.76 9.48 1.06
CA ASN A 80 -4.05 8.62 2.18
C ASN A 80 -2.73 8.00 2.56
N MET A 81 -2.55 7.80 3.87
CA MET A 81 -1.42 7.07 4.39
C MET A 81 -1.83 5.70 4.88
N ALA A 82 -1.07 4.68 4.53
CA ALA A 82 -1.39 3.34 5.03
C ALA A 82 -1.08 3.30 6.53
N PRO A 83 -1.86 2.53 7.31
CA PRO A 83 -1.63 2.44 8.73
C PRO A 83 -0.16 2.22 9.07
N PHE A 84 0.53 1.46 8.24
CA PHE A 84 1.86 1.01 8.59
C PHE A 84 2.94 1.92 8.05
N SER A 85 2.57 3.08 7.51
CA SER A 85 3.53 3.96 6.82
C SER A 85 4.26 4.87 7.74
N VAL A 86 3.62 5.17 8.84
CA VAL A 86 4.15 6.09 9.83
C VAL A 86 4.72 5.24 10.97
N GLU A 87 5.59 5.81 11.79
CA GLU A 87 6.13 5.10 12.97
C GLU A 87 5.09 4.67 14.02
N GLU A 88 4.17 5.55 14.35
CA GLU A 88 3.04 5.13 15.16
C GLU A 88 1.89 4.71 14.23
N ARG A 89 1.49 3.46 14.32
CA ARG A 89 0.47 2.92 13.44
C ARG A 89 -0.72 3.89 13.46
N LYS A 90 -1.11 4.31 12.27
CA LYS A 90 -2.15 5.27 12.04
C LYS A 90 -3.40 4.48 11.77
N LYS A 91 -4.46 4.80 12.51
CA LYS A 91 -5.78 4.27 12.27
C LYS A 91 -6.16 4.53 10.80
N PRO A 92 -6.62 3.52 10.08
CA PRO A 92 -7.00 3.69 8.69
C PRO A 92 -8.01 4.81 8.50
N GLY A 93 -8.03 5.40 7.32
CA GLY A 93 -9.09 6.33 7.02
C GLY A 93 -8.59 7.77 7.05
N PRO A 94 -9.26 8.67 6.32
CA PRO A 94 -8.60 9.96 6.40
C PRO A 94 -8.80 10.70 7.74
N ASP A 95 -7.98 11.74 7.84
CA ASP A 95 -7.95 12.58 8.97
C ASP A 95 -7.77 13.95 8.37
N ARG A 96 -7.84 14.97 9.20
CA ARG A 96 -7.84 16.34 8.79
C ARG A 96 -6.61 16.64 7.97
N ARG A 97 -5.46 16.23 8.46
CA ARG A 97 -4.23 16.42 7.69
C ARG A 97 -4.36 15.81 6.29
N SER A 98 -4.76 14.55 6.16
CA SER A 98 -4.78 13.95 4.84
CA SER A 98 -4.80 13.92 4.85
C SER A 98 -5.84 14.61 3.95
N ILE A 99 -6.84 15.24 4.54
CA ILE A 99 -7.88 15.82 3.74
C ILE A 99 -7.45 17.17 3.22
N GLU A 100 -6.73 17.95 4.02
CA GLU A 100 -6.15 19.20 3.52
C GLU A 100 -5.06 18.89 2.48
N ILE A 101 -4.32 17.81 2.64
CA ILE A 101 -3.28 17.46 1.66
CA ILE A 101 -3.28 17.46 1.67
C ILE A 101 -3.96 17.07 0.35
N SER A 102 -5.01 16.29 0.41
CA SER A 102 -5.77 15.98 -0.81
C SER A 102 -6.18 17.27 -1.49
N LYS A 103 -6.70 18.21 -0.69
CA LYS A 103 -7.24 19.43 -1.23
C LYS A 103 -6.19 20.22 -1.97
N VAL A 104 -5.06 20.38 -1.31
CA VAL A 104 -3.90 21.17 -1.79
C VAL A 104 -3.13 20.47 -2.94
N ILE A 105 -3.11 19.13 -2.96
CA ILE A 105 -2.56 18.33 -4.10
CA ILE A 105 -2.53 18.42 -4.11
C ILE A 105 -3.49 18.53 -5.32
N LYS A 106 -4.80 18.47 -5.09
CA LYS A 106 -5.77 18.77 -6.13
C LYS A 106 -5.48 20.12 -6.75
N GLY A 107 -5.30 21.12 -5.90
CA GLY A 107 -5.14 22.51 -6.28
C GLY A 107 -3.79 22.59 -6.92
N ALA A 108 -2.98 21.55 -6.73
CA ALA A 108 -1.61 21.51 -7.28
C ALA A 108 -1.62 20.94 -8.68
N LEU A 109 -2.48 19.96 -8.91
CA LEU A 109 -2.48 19.28 -10.17
C LEU A 109 -3.42 19.90 -11.21
N GLU A 110 -4.48 20.47 -10.73
CA GLU A 110 -5.52 20.94 -11.59
C GLU A 110 -5.04 21.94 -12.66
N PRO A 111 -4.21 22.96 -12.29
CA PRO A 111 -3.76 23.88 -13.32
C PRO A 111 -2.86 23.20 -14.39
N ALA A 112 -2.30 22.02 -14.14
CA ALA A 112 -1.57 21.34 -15.23
C ALA A 112 -2.50 20.68 -16.22
N LEU A 113 -3.74 20.45 -15.82
CA LEU A 113 -4.63 19.59 -16.60
C LEU A 113 -5.48 20.44 -17.54
N ILE A 114 -5.69 19.94 -18.75
CA ILE A 114 -6.62 20.60 -19.66
C ILE A 114 -7.97 19.93 -19.51
N LEU A 115 -8.73 20.41 -18.56
CA LEU A 115 -9.92 19.72 -18.08
C LEU A 115 -11.14 19.91 -19.02
N GLU A 116 -11.14 20.97 -19.82
CA GLU A 116 -12.22 21.20 -20.78
C GLU A 116 -12.16 20.18 -21.92
N MET A 117 -11.06 19.44 -22.01
CA MET A 117 -10.97 18.31 -22.95
C MET A 117 -11.85 17.13 -22.63
N PHE A 118 -12.29 17.01 -21.39
CA PHE A 118 -13.05 15.84 -21.06
C PHE A 118 -14.27 16.24 -20.26
N PRO A 119 -15.18 17.03 -20.86
CA PRO A 119 -16.34 17.55 -20.09
C PRO A 119 -17.18 16.41 -19.49
N ARG A 120 -17.78 16.70 -18.33
CA ARG A 120 -18.75 15.83 -17.64
C ARG A 120 -18.07 14.62 -17.00
N THR A 121 -16.74 14.52 -17.07
CA THR A 121 -16.01 13.37 -16.55
C THR A 121 -15.32 13.71 -15.21
N ALA A 122 -14.82 12.70 -14.51
CA ALA A 122 -13.89 12.92 -13.42
C ALA A 122 -12.55 12.37 -13.83
N ILE A 123 -11.47 13.04 -13.44
CA ILE A 123 -10.16 12.43 -13.38
C ILE A 123 -9.82 12.23 -11.85
N ASP A 124 -9.60 10.97 -11.46
CA ASP A 124 -9.41 10.63 -10.05
C ASP A 124 -7.99 10.26 -9.76
N VAL A 125 -7.39 11.08 -8.91
CA VAL A 125 -6.03 10.88 -8.50
C VAL A 125 -5.95 10.25 -7.12
N PHE A 126 -5.38 9.06 -7.03
CA PHE A 126 -5.19 8.48 -5.73
C PHE A 126 -3.73 8.46 -5.31
N ILE A 127 -3.43 8.93 -4.11
CA ILE A 127 -2.05 8.88 -3.64
C ILE A 127 -1.99 8.11 -2.36
N GLU A 128 -1.28 6.98 -2.40
CA GLU A 128 -1.14 6.17 -1.22
C GLU A 128 0.26 6.23 -0.71
N VAL A 129 0.37 6.69 0.53
CA VAL A 129 1.68 6.70 1.10
C VAL A 129 1.93 5.39 1.82
N LEU A 130 2.85 4.60 1.26
CA LEU A 130 3.19 3.30 1.78
C LEU A 130 4.23 3.38 2.92
N GLN A 131 5.11 4.37 2.81
CA GLN A 131 6.02 4.73 3.85
C GLN A 131 6.25 6.24 3.79
N ALA A 132 6.38 6.83 4.95
CA ALA A 132 6.20 8.26 5.12
C ALA A 132 7.47 8.68 5.81
N ASP A 133 8.06 9.79 5.38
CA ASP A 133 9.29 10.25 6.01
C ASP A 133 9.57 11.71 5.84
N ALA A 134 8.52 12.52 5.94
CA ALA A 134 8.48 13.94 5.53
C ALA A 134 8.60 14.17 4.05
N GLY A 135 7.83 15.16 3.62
CA GLY A 135 7.73 15.49 2.22
C GLY A 135 6.81 14.57 1.47
N THR A 136 5.85 13.92 2.12
CA THR A 136 4.98 13.00 1.36
C THR A 136 4.10 13.72 0.36
N ARG A 137 3.80 14.98 0.60
CA ARG A 137 2.83 15.63 -0.26
C ARG A 137 3.47 16.10 -1.58
N VAL A 138 4.65 16.70 -1.50
CA VAL A 138 5.49 16.90 -2.66
C VAL A 138 5.91 15.61 -3.36
N ALA A 139 6.40 14.62 -2.66
CA ALA A 139 6.60 13.34 -3.31
C ALA A 139 5.32 12.87 -4.01
N GLY A 140 4.15 13.00 -3.37
CA GLY A 140 2.87 12.52 -3.90
C GLY A 140 2.45 13.26 -5.18
N ILE A 141 2.59 14.58 -5.15
CA ILE A 141 2.32 15.45 -6.26
C ILE A 141 3.18 15.01 -7.42
N THR A 142 4.43 14.70 -7.10
CA THR A 142 5.37 14.34 -8.14
C THR A 142 4.98 13.02 -8.78
N ALA A 143 4.46 12.09 -8.00
CA ALA A 143 4.16 10.77 -8.57
C ALA A 143 2.84 10.93 -9.26
N ALA A 144 2.00 11.83 -8.75
CA ALA A 144 0.69 12.10 -9.31
C ALA A 144 0.78 12.62 -10.75
N SER A 145 1.50 13.73 -10.99
CA SER A 145 1.90 14.15 -12.36
C SER A 145 2.39 13.03 -13.25
N LEU A 146 3.23 12.17 -12.73
CA LEU A 146 3.70 11.09 -13.57
C LEU A 146 2.61 10.09 -13.85
N ALA A 147 1.68 9.92 -12.90
CA ALA A 147 0.62 8.97 -13.11
C ALA A 147 -0.39 9.64 -14.09
N LEU A 148 -0.51 10.98 -14.01
CA LEU A 148 -1.37 11.67 -14.96
C LEU A 148 -0.79 11.54 -16.38
N ALA A 149 0.49 11.86 -16.56
CA ALA A 149 1.14 11.60 -17.85
C ALA A 149 0.99 10.14 -18.26
N ASP A 150 1.20 9.22 -17.33
CA ASP A 150 1.07 7.80 -17.60
C ASP A 150 -0.32 7.44 -18.11
N ALA A 151 -1.35 8.16 -17.65
CA ALA A 151 -2.74 7.92 -18.04
C ALA A 151 -3.10 8.48 -19.42
N GLY A 152 -2.17 9.22 -20.04
CA GLY A 152 -2.37 9.82 -21.36
C GLY A 152 -3.21 11.09 -21.26
N ILE A 153 -3.23 11.70 -20.08
CA ILE A 153 -4.03 12.91 -19.86
C ILE A 153 -3.24 14.14 -20.36
N PRO A 154 -3.80 14.90 -21.31
CA PRO A 154 -3.12 16.12 -21.71
C PRO A 154 -2.93 17.05 -20.53
N MET A 155 -1.66 17.47 -20.41
CA MET A 155 -1.17 18.39 -19.38
C MET A 155 -0.34 19.53 -20.01
N ARG A 156 -0.37 20.69 -19.39
CA ARG A 156 0.34 21.82 -19.93
C ARG A 156 1.80 21.69 -19.51
N ASP A 157 1.98 21.05 -18.36
CA ASP A 157 3.29 20.78 -17.83
C ASP A 157 3.07 19.66 -16.88
N LEU A 158 4.16 18.96 -16.57
CA LEU A 158 4.23 18.19 -15.33
C LEU A 158 4.17 19.13 -14.16
N VAL A 159 3.79 18.60 -13.02
CA VAL A 159 3.94 19.36 -11.83
C VAL A 159 5.02 18.74 -10.93
N ALA A 160 6.00 19.50 -10.52
CA ALA A 160 7.04 18.87 -9.71
C ALA A 160 6.95 19.62 -8.45
N ALA A 161 7.35 19.01 -7.36
CA ALA A 161 7.16 19.63 -6.05
C ALA A 161 8.34 19.20 -5.23
N CYS A 162 8.54 19.95 -4.15
CA CYS A 162 9.67 19.77 -3.27
C CYS A 162 9.55 20.78 -2.19
N ALA A 163 9.99 20.42 -1.00
CA ALA A 163 9.89 21.35 0.10
C ALA A 163 11.25 21.82 0.50
N ALA A 164 11.32 23.05 0.98
CA ALA A 164 12.51 23.47 1.67
C ALA A 164 12.13 23.83 3.10
N GLY A 165 13.08 24.19 3.95
CA GLY A 165 12.74 24.22 5.37
C GLY A 165 13.84 24.90 6.13
N LYS A 166 13.57 25.13 7.41
CA LYS A 166 14.52 25.83 8.24
C LYS A 166 14.84 24.89 9.38
N ILE A 167 16.11 24.54 9.49
CA ILE A 167 16.52 23.71 10.58
C ILE A 167 17.73 24.36 11.18
N GLU A 168 17.81 24.34 12.51
CA GLU A 168 18.93 24.99 13.20
C GLU A 168 19.38 26.32 12.62
N GLY A 169 18.39 27.19 12.39
CA GLY A 169 18.64 28.58 11.98
C GLY A 169 18.86 28.67 10.48
N GLU A 170 18.84 27.54 9.80
CA GLU A 170 19.30 27.55 8.41
C GLU A 170 18.34 27.01 7.41
N ILE A 171 18.29 27.68 6.27
CA ILE A 171 17.39 27.27 5.19
C ILE A 171 17.99 26.08 4.44
N VAL A 172 17.27 24.96 4.42
CA VAL A 172 17.74 23.73 3.77
C VAL A 172 16.69 23.15 2.81
N LEU A 173 17.17 22.29 1.89
CA LEU A 173 16.31 21.63 0.92
C LEU A 173 15.93 20.27 1.46
N ASP A 174 14.65 19.92 1.33
CA ASP A 174 14.15 18.52 1.36
C ASP A 174 14.41 17.88 2.71
N LEU A 175 13.74 18.51 3.71
CA LEU A 175 13.59 18.03 5.08
C LEU A 175 13.23 16.56 5.13
N ASN A 176 13.82 15.84 6.08
CA ASN A 176 13.45 14.53 6.42
C ASN A 176 12.53 14.54 7.66
N LYS A 177 12.03 13.41 8.10
CA LYS A 177 11.08 13.47 9.25
C LYS A 177 11.64 14.19 10.47
N GLU A 178 12.79 13.69 10.89
CA GLU A 178 13.58 14.23 11.99
C GLU A 178 13.73 15.74 11.90
N GLU A 179 14.08 16.24 10.71
CA GLU A 179 14.46 17.61 10.55
C GLU A 179 13.23 18.45 10.48
N ASP A 180 12.14 17.90 9.96
CA ASP A 180 10.87 18.56 10.01
C ASP A 180 10.30 18.55 11.45
N ASN A 181 10.40 17.41 12.10
CA ASN A 181 10.05 17.39 13.53
C ASN A 181 10.76 18.40 14.41
N TYR A 182 12.07 18.55 14.21
CA TYR A 182 12.80 19.53 15.01
C TYR A 182 13.01 20.89 14.34
N GLY A 183 12.44 21.05 13.15
CA GLY A 183 12.75 22.18 12.28
C GLY A 183 11.99 23.40 12.70
N GLU A 184 12.27 24.50 12.04
CA GLU A 184 11.56 25.73 12.36
C GLU A 184 10.50 26.14 11.33
N ALA A 185 10.49 25.44 10.20
CA ALA A 185 9.61 25.77 9.07
C ALA A 185 9.78 24.67 8.08
N ASP A 186 8.70 24.44 7.35
CA ASP A 186 8.65 23.53 6.26
C ASP A 186 7.86 24.31 5.17
N VAL A 187 8.41 24.27 3.96
CA VAL A 187 7.87 25.02 2.83
C VAL A 187 7.82 24.12 1.61
N PRO A 188 6.74 23.33 1.46
CA PRO A 188 6.58 22.67 0.17
C PRO A 188 6.09 23.62 -0.90
N VAL A 189 6.48 23.31 -2.14
CA VAL A 189 6.20 24.17 -3.26
C VAL A 189 5.97 23.18 -4.38
N ALA A 190 4.99 23.44 -5.21
CA ALA A 190 4.92 22.68 -6.43
C ALA A 190 4.82 23.65 -7.53
N ILE A 191 5.43 23.30 -8.64
CA ILE A 191 5.43 24.20 -9.77
C ILE A 191 5.23 23.44 -11.00
N MET A 192 4.73 24.12 -12.00
CA MET A 192 4.83 23.65 -13.34
C MET A 192 6.10 24.35 -13.84
N PRO A 193 7.22 23.60 -13.97
CA PRO A 193 8.54 24.26 -14.22
C PRO A 193 8.69 25.02 -15.56
N LEU A 194 7.94 24.65 -16.60
CA LEU A 194 8.17 25.31 -17.89
C LEU A 194 7.92 26.79 -17.80
N LYS A 195 6.86 27.14 -17.07
CA LYS A 195 6.45 28.51 -16.90
C LYS A 195 6.70 29.02 -15.50
N ASN A 196 7.32 28.22 -14.66
CA ASN A 196 7.55 28.60 -13.27
C ASN A 196 6.25 28.96 -12.58
N ASP A 197 5.23 28.14 -12.75
CA ASP A 197 3.92 28.49 -12.25
C ASP A 197 3.84 27.82 -10.92
N ILE A 198 3.62 28.55 -9.82
CA ILE A 198 3.58 27.88 -8.55
C ILE A 198 2.16 27.41 -8.28
N THR A 199 2.00 26.09 -8.22
CA THR A 199 0.66 25.50 -7.94
C THR A 199 0.43 24.99 -6.53
N LEU A 200 1.50 24.85 -5.75
CA LEU A 200 1.28 24.58 -4.33
C LEU A 200 2.23 25.45 -3.62
N LEU A 201 1.79 26.05 -2.53
CA LEU A 201 2.75 26.76 -1.70
C LEU A 201 2.15 26.80 -0.33
N GLN A 202 2.87 26.16 0.59
CA GLN A 202 2.51 26.07 1.98
C GLN A 202 3.76 26.40 2.76
N MET A 203 3.52 26.88 3.96
CA MET A 203 4.52 27.24 4.91
C MET A 203 3.89 26.93 6.24
N ASP A 204 4.51 25.98 6.92
CA ASP A 204 4.19 25.55 8.28
C ASP A 204 5.41 26.00 9.05
N GLY A 205 5.23 26.76 10.11
CA GLY A 205 6.41 27.22 10.81
C GLY A 205 6.41 28.68 11.06
N TYR A 206 7.62 29.24 11.13
CA TYR A 206 7.81 30.62 11.48
C TYR A 206 9.05 31.10 10.76
N LEU A 207 8.92 32.19 10.00
CA LEU A 207 9.94 32.60 9.08
C LEU A 207 9.79 34.04 8.88
N THR A 208 10.92 34.68 8.61
CA THR A 208 10.92 36.04 8.18
C THR A 208 10.57 35.95 6.68
N LYS A 209 10.29 37.12 6.10
CA LYS A 209 9.99 37.25 4.68
C LYS A 209 11.11 36.73 3.81
N ASP A 210 12.34 37.12 4.12
CA ASP A 210 13.48 36.76 3.28
C ASP A 210 13.84 35.29 3.53
N GLU A 211 13.58 34.79 4.74
CA GLU A 211 13.70 33.34 5.01
C GLU A 211 12.67 32.58 4.23
N PHE A 212 11.49 33.17 4.12
CA PHE A 212 10.42 32.46 3.42
C PHE A 212 10.65 32.41 1.90
N ILE A 213 10.97 33.56 1.30
CA ILE A 213 11.32 33.67 -0.11
C ILE A 213 12.51 32.77 -0.51
N GLU A 214 13.59 32.78 0.28
CA GLU A 214 14.73 31.89 -0.02
C GLU A 214 14.30 30.42 -0.02
N ALA A 215 13.45 30.07 0.92
CA ALA A 215 12.91 28.69 1.06
C ALA A 215 12.15 28.34 -0.26
N VAL A 216 11.21 29.19 -0.64
CA VAL A 216 10.52 29.07 -1.93
C VAL A 216 11.49 28.93 -3.12
N LYS A 217 12.43 29.88 -3.31
CA LYS A 217 13.34 29.78 -4.41
C LYS A 217 14.03 28.42 -4.36
N LEU A 218 14.55 28.02 -3.19
CA LEU A 218 15.29 26.76 -3.03
C LEU A 218 14.48 25.47 -3.33
N ALA A 219 13.26 25.41 -2.84
CA ALA A 219 12.40 24.27 -3.02
C ALA A 219 11.98 24.16 -4.46
N ILE A 220 11.98 25.29 -5.13
CA ILE A 220 11.74 25.32 -6.58
C ILE A 220 12.95 24.70 -7.31
N LYS A 221 14.18 25.07 -6.97
CA LYS A 221 15.32 24.38 -7.57
C LYS A 221 15.24 22.89 -7.28
N GLY A 222 14.77 22.52 -6.09
CA GLY A 222 14.59 21.11 -5.78
C GLY A 222 13.53 20.50 -6.67
N ALA A 223 12.44 21.24 -6.84
CA ALA A 223 11.39 20.91 -7.77
C ALA A 223 11.78 20.77 -9.27
N LYS A 224 12.68 21.64 -9.79
CA LYS A 224 13.26 21.49 -11.11
C LYS A 224 14.21 20.27 -11.23
N ALA A 225 15.09 20.07 -10.27
CA ALA A 225 15.73 18.79 -10.08
C ALA A 225 14.77 17.60 -10.08
N VAL A 226 13.61 17.68 -9.38
CA VAL A 226 12.72 16.53 -9.33
C VAL A 226 12.09 16.30 -10.73
N TYR A 227 11.80 17.42 -11.36
CA TYR A 227 11.22 17.47 -12.67
C TYR A 227 12.09 16.77 -13.70
N GLN A 228 13.40 16.86 -13.56
CA GLN A 228 14.30 16.22 -14.51
C GLN A 228 14.17 14.72 -14.30
N LYS A 229 14.01 14.32 -13.03
CA LYS A 229 13.78 12.93 -12.69
C LYS A 229 12.48 12.46 -13.31
N GLN A 230 11.46 13.30 -13.25
CA GLN A 230 10.16 12.98 -13.84
C GLN A 230 10.19 12.69 -15.30
N ARG A 231 10.87 13.55 -16.02
CA ARG A 231 10.95 13.45 -17.46
C ARG A 231 11.68 12.17 -17.83
N GLU A 232 12.65 11.83 -16.98
CA GLU A 232 13.51 10.73 -17.20
C GLU A 232 12.70 9.45 -17.01
N ALA A 233 11.76 9.48 -16.04
CA ALA A 233 10.80 8.39 -15.79
C ALA A 233 9.80 8.20 -16.96
N LEU A 234 9.47 9.31 -17.62
CA LEU A 234 8.66 9.25 -18.83
C LEU A 234 9.48 8.78 -20.04
N LYS A 235 10.69 9.33 -20.23
CA LYS A 235 11.65 8.87 -21.27
C LYS A 235 11.74 7.36 -21.19
N GLU A 236 12.14 6.87 -20.02
CA GLU A 236 12.27 5.46 -19.79
C GLU A 236 10.99 4.67 -20.09
N LYS A 237 9.80 5.24 -19.87
CA LYS A 237 8.56 4.58 -20.33
C LYS A 237 8.43 4.64 -21.86
N TYR A 238 8.81 5.75 -22.48
CA TYR A 238 8.68 5.88 -23.95
C TYR A 238 9.77 5.17 -24.71
N LEU A 239 10.70 4.56 -23.98
CA LEU A 239 11.69 3.68 -24.56
C LEU A 239 11.21 2.25 -24.35
N LYS A 240 10.65 1.99 -23.17
CA LYS A 240 10.08 0.70 -22.80
C LYS A 240 8.88 0.30 -23.66
N ILE A 241 8.02 1.27 -24.01
CA ILE A 241 6.92 1.02 -24.94
C ILE A 241 7.47 0.63 -26.31
N ALA A 242 8.51 1.35 -26.76
CA ALA A 242 9.09 1.23 -28.09
C ALA A 242 9.64 -0.17 -28.40
N GLN A 243 8.92 -1.19 -27.93
CA GLN A 243 9.13 -2.59 -28.28
C GLN A 243 7.75 -3.25 -28.36
N GLU A 244 7.24 -3.50 -29.58
CA GLU A 244 8.02 -3.42 -30.83
C GLU A 244 7.88 -2.09 -31.63
N ALA B 11 -17.42 -7.53 -20.86
CA ALA B 11 -18.02 -8.52 -19.93
C ALA B 11 -19.30 -9.15 -20.48
N GLY B 12 -19.58 -10.39 -20.05
CA GLY B 12 -20.77 -11.18 -20.51
C GLY B 12 -20.43 -12.06 -21.70
N ILE B 13 -19.74 -11.42 -22.65
CA ILE B 13 -19.10 -12.00 -23.83
C ILE B 13 -17.93 -12.84 -23.35
N MET B 14 -17.43 -12.47 -22.17
CA MET B 14 -16.30 -13.16 -21.53
C MET B 14 -16.70 -14.37 -20.77
N ARG B 15 -17.89 -14.39 -20.15
CA ARG B 15 -18.32 -15.61 -19.45
C ARG B 15 -18.25 -16.80 -20.39
N ASP B 16 -18.78 -16.59 -21.60
CA ASP B 16 -18.87 -17.60 -22.62
C ASP B 16 -17.51 -18.06 -23.10
N HIS B 17 -16.61 -17.13 -23.35
CA HIS B 17 -15.28 -17.48 -23.78
C HIS B 17 -14.61 -18.25 -22.67
N ILE B 18 -14.75 -17.78 -21.44
CA ILE B 18 -14.16 -18.46 -20.30
C ILE B 18 -14.75 -19.87 -20.08
N ILE B 19 -16.08 -19.99 -20.06
CA ILE B 19 -16.72 -21.30 -19.97
C ILE B 19 -16.21 -22.26 -21.03
N ASN B 20 -16.21 -21.81 -22.29
CA ASN B 20 -15.83 -22.65 -23.39
C ASN B 20 -14.38 -23.06 -23.31
N LEU B 21 -13.51 -22.14 -22.95
CA LEU B 21 -12.13 -22.54 -22.72
C LEU B 21 -12.03 -23.61 -21.64
N LEU B 22 -12.86 -23.50 -20.61
CA LEU B 22 -12.79 -24.38 -19.47
C LEU B 22 -13.25 -25.74 -19.87
N LYS B 23 -14.28 -25.83 -20.72
CA LYS B 23 -14.69 -27.12 -21.31
C LYS B 23 -13.57 -27.84 -22.05
N GLU B 24 -12.56 -27.11 -22.50
CA GLU B 24 -11.48 -27.74 -23.24
C GLU B 24 -10.23 -27.93 -22.40
N GLY B 25 -10.39 -27.91 -21.07
CA GLY B 25 -9.28 -27.98 -20.13
C GLY B 25 -8.39 -26.74 -20.08
N LYS B 26 -8.81 -25.68 -20.78
CA LYS B 26 -8.01 -24.46 -20.86
C LYS B 26 -8.57 -23.28 -20.04
N ARG B 27 -7.67 -22.36 -19.72
CA ARG B 27 -7.98 -21.10 -19.03
C ARG B 27 -7.34 -20.01 -19.89
N ILE B 28 -7.83 -18.79 -19.78
CA ILE B 28 -7.47 -17.79 -20.77
C ILE B 28 -6.00 -17.42 -20.77
N ASP B 29 -5.30 -17.54 -19.64
CA ASP B 29 -3.85 -17.29 -19.61
C ASP B 29 -3.04 -18.59 -19.75
N ASP B 30 -3.68 -19.68 -20.18
CA ASP B 30 -3.02 -20.99 -20.34
C ASP B 30 -2.52 -21.66 -19.05
N ARG B 31 -2.99 -21.20 -17.91
CA ARG B 31 -2.79 -21.91 -16.65
C ARG B 31 -3.59 -23.22 -16.75
N GLY B 32 -3.14 -24.27 -16.01
CA GLY B 32 -3.98 -25.45 -15.80
C GLY B 32 -4.97 -25.12 -14.68
N PHE B 33 -5.99 -25.94 -14.49
CA PHE B 33 -6.95 -25.67 -13.44
C PHE B 33 -6.33 -25.52 -12.05
N GLU B 34 -5.15 -26.12 -11.84
CA GLU B 34 -4.53 -26.11 -10.48
C GLU B 34 -3.29 -25.21 -10.40
N ASP B 35 -3.12 -24.35 -11.39
CA ASP B 35 -1.98 -23.44 -11.33
C ASP B 35 -2.35 -22.07 -10.78
N TYR B 36 -1.48 -21.57 -9.91
CA TYR B 36 -1.40 -20.17 -9.56
C TYR B 36 -0.69 -19.43 -10.64
N ARG B 37 -0.99 -18.14 -10.74
CA ARG B 37 -0.25 -17.22 -11.61
C ARG B 37 1.13 -17.07 -11.05
N PRO B 38 2.07 -16.39 -11.76
CA PRO B 38 3.37 -16.22 -11.17
C PRO B 38 3.26 -15.45 -9.89
N ILE B 39 3.96 -15.93 -8.88
CA ILE B 39 3.90 -15.40 -7.52
C ILE B 39 5.21 -14.73 -7.24
N GLU B 40 5.10 -13.55 -6.64
CA GLU B 40 6.23 -12.81 -6.18
C GLU B 40 5.97 -12.48 -4.75
N ILE B 41 6.91 -12.82 -3.86
CA ILE B 41 6.79 -12.42 -2.44
C ILE B 41 8.08 -11.69 -2.08
N GLU B 42 7.91 -10.53 -1.49
CA GLU B 42 9.02 -9.72 -1.12
C GLU B 42 8.70 -9.16 0.25
N VAL B 43 9.57 -9.45 1.19
CA VAL B 43 9.26 -9.32 2.58
C VAL B 43 10.11 -8.20 3.09
N GLY B 44 9.63 -7.41 4.04
CA GLY B 44 10.51 -6.37 4.63
C GLY B 44 10.71 -5.14 3.75
N VAL B 45 9.74 -4.92 2.91
CA VAL B 45 9.73 -3.82 1.99
C VAL B 45 9.30 -2.49 2.65
N ILE B 46 8.44 -2.53 3.68
CA ILE B 46 8.20 -1.34 4.53
C ILE B 46 9.07 -1.41 5.81
N GLU B 47 10.16 -0.65 5.78
CA GLU B 47 11.23 -1.00 6.69
C GLU B 47 11.00 -0.27 8.01
N LYS B 48 10.09 0.69 7.98
CA LYS B 48 9.69 1.33 9.19
C LYS B 48 8.65 0.51 9.94
N ALA B 49 7.80 -0.24 9.25
CA ALA B 49 6.94 -1.21 9.93
C ALA B 49 7.79 -2.30 10.55
N GLU B 50 7.26 -2.95 11.57
CA GLU B 50 7.91 -4.12 12.16
C GLU B 50 8.09 -5.28 11.17
N GLY B 51 7.09 -5.53 10.34
CA GLY B 51 7.21 -6.51 9.26
C GLY B 51 6.36 -6.10 8.12
N SER B 52 6.63 -6.60 6.92
CA SER B 52 5.84 -6.26 5.74
C SER B 52 6.06 -7.35 4.73
N ALA B 53 5.20 -7.41 3.72
CA ALA B 53 5.33 -8.32 2.65
C ALA B 53 4.55 -7.66 1.53
N LEU B 54 5.16 -7.62 0.36
CA LEU B 54 4.45 -7.30 -0.89
C LEU B 54 4.35 -8.67 -1.57
N VAL B 55 3.10 -9.11 -1.81
CA VAL B 55 2.79 -10.32 -2.59
C VAL B 55 2.12 -9.91 -3.92
N LYS B 56 2.60 -10.51 -5.01
CA LYS B 56 1.96 -10.39 -6.31
C LYS B 56 1.51 -11.79 -6.69
N LEU B 57 0.24 -11.90 -7.05
CA LEU B 57 -0.36 -13.10 -7.58
C LEU B 57 -0.73 -12.66 -8.99
N GLY B 58 0.18 -12.87 -9.93
CA GLY B 58 0.03 -12.35 -11.26
C GLY B 58 0.11 -10.86 -11.05
N SER B 59 -0.94 -10.19 -11.46
CA SER B 59 -1.05 -8.75 -11.40
C SER B 59 -1.79 -8.30 -10.17
N THR B 60 -2.26 -9.22 -9.34
CA THR B 60 -2.85 -8.83 -8.08
C THR B 60 -1.66 -8.50 -7.14
N GLN B 61 -1.78 -7.40 -6.38
CA GLN B 61 -0.67 -6.94 -5.56
C GLN B 61 -1.20 -6.58 -4.23
N VAL B 62 -0.72 -7.22 -3.17
CA VAL B 62 -1.12 -6.74 -1.89
C VAL B 62 0.07 -6.49 -1.00
N LEU B 63 0.07 -5.35 -0.34
CA LEU B 63 1.08 -5.10 0.68
C LEU B 63 0.50 -5.25 2.07
N VAL B 64 1.23 -5.92 2.96
CA VAL B 64 0.77 -6.10 4.30
C VAL B 64 1.84 -5.60 5.20
N GLY B 65 1.41 -4.84 6.20
CA GLY B 65 2.36 -4.15 7.05
C GLY B 65 2.04 -4.62 8.44
N ILE B 66 3.06 -4.78 9.30
CA ILE B 66 2.77 -5.29 10.63
C ILE B 66 3.42 -4.30 11.52
N LYS B 67 2.58 -3.70 12.35
CA LYS B 67 2.92 -2.69 13.29
C LYS B 67 2.46 -3.27 14.63
N THR B 68 3.32 -3.20 15.60
CA THR B 68 3.04 -3.74 16.93
C THR B 68 3.26 -2.59 17.88
N SER B 69 2.50 -2.60 18.96
CA SER B 69 2.72 -1.71 20.08
CA SER B 69 2.76 -1.73 20.08
C SER B 69 2.51 -2.53 21.35
N LEU B 70 2.59 -1.88 22.50
CA LEU B 70 2.30 -2.59 23.72
C LEU B 70 0.99 -2.08 24.21
N GLY B 71 0.13 -2.96 24.68
CA GLY B 71 -1.13 -2.46 25.19
C GLY B 71 -1.75 -3.42 26.16
N GLU B 72 -2.94 -3.06 26.63
CA GLU B 72 -3.75 -3.86 27.53
C GLU B 72 -4.38 -5.05 26.82
N PRO B 73 -4.36 -6.26 27.42
CA PRO B 73 -5.09 -7.30 26.72
C PRO B 73 -6.59 -7.18 27.02
N PHE B 74 -7.39 -7.89 26.21
CA PHE B 74 -8.82 -7.85 26.38
C PHE B 74 -9.10 -8.43 27.75
N PRO B 75 -10.09 -7.86 28.47
CA PRO B 75 -10.39 -8.37 29.81
C PRO B 75 -10.64 -9.90 29.84
N ASP B 76 -11.41 -10.40 28.88
CA ASP B 76 -11.61 -11.84 28.65
C ASP B 76 -10.32 -12.66 28.71
N THR B 77 -9.21 -12.08 28.22
CA THR B 77 -7.98 -12.83 27.98
C THR B 77 -6.70 -12.11 28.41
N PRO B 78 -6.45 -11.98 29.75
CA PRO B 78 -5.23 -11.39 30.32
C PRO B 78 -3.95 -12.12 29.87
N ASN B 79 -4.15 -13.32 29.31
CA ASN B 79 -3.15 -14.31 29.01
CA ASN B 79 -3.02 -14.19 29.02
C ASN B 79 -2.62 -14.32 27.57
N MET B 80 -2.98 -13.30 26.81
CA MET B 80 -2.82 -13.35 25.39
C MET B 80 -2.57 -12.01 24.79
N GLY B 81 -1.55 -11.90 23.97
CA GLY B 81 -1.39 -10.70 23.16
C GLY B 81 -2.60 -10.36 22.28
N VAL B 82 -2.48 -9.26 21.55
CA VAL B 82 -3.57 -8.90 20.66
C VAL B 82 -3.16 -8.97 19.21
N MET B 83 -4.10 -9.42 18.36
CA MET B 83 -3.90 -9.38 16.94
C MET B 83 -5.15 -8.86 16.31
N THR B 84 -4.98 -7.97 15.36
CA THR B 84 -6.12 -7.38 14.70
C THR B 84 -5.71 -7.20 13.27
N THR B 85 -6.62 -7.49 12.33
CA THR B 85 -6.37 -7.61 10.91
C THR B 85 -7.34 -6.69 10.25
N ASN B 86 -6.84 -5.83 9.39
CA ASN B 86 -7.71 -4.95 8.65
C ASN B 86 -7.25 -5.01 7.20
N VAL B 87 -8.22 -5.02 6.30
CA VAL B 87 -7.93 -5.01 4.85
C VAL B 87 -8.52 -3.72 4.37
N GLU B 88 -7.67 -2.85 3.83
CA GLU B 88 -8.07 -1.74 3.03
C GLU B 88 -8.06 -2.06 1.55
N LEU B 89 -9.22 -1.94 0.95
CA LEU B 89 -9.40 -2.05 -0.49
C LEU B 89 -9.34 -0.65 -1.05
N VAL B 90 -8.12 -0.17 -1.39
CA VAL B 90 -7.96 1.28 -1.63
C VAL B 90 -8.54 1.59 -3.00
N PRO B 91 -9.21 2.72 -3.11
CA PRO B 91 -9.76 2.93 -4.43
C PRO B 91 -8.72 2.76 -5.54
N LEU B 92 -7.42 2.89 -5.26
CA LEU B 92 -6.46 2.81 -6.35
C LEU B 92 -6.31 1.41 -6.85
N ALA B 93 -6.69 0.42 -6.06
CA ALA B 93 -6.50 -0.93 -6.47
C ALA B 93 -7.48 -1.38 -7.54
N SER B 94 -8.54 -0.59 -7.79
CA SER B 94 -9.67 -1.11 -8.56
C SER B 94 -10.78 -0.10 -8.73
N PRO B 95 -11.39 -0.05 -9.93
CA PRO B 95 -12.51 0.87 -10.07
C PRO B 95 -13.71 0.45 -9.17
N THR B 96 -13.72 -0.81 -8.71
CA THR B 96 -14.79 -1.31 -7.82
C THR B 96 -14.61 -0.94 -6.31
N PHE B 97 -13.45 -0.36 -5.96
CA PHE B 97 -13.10 -0.12 -4.56
C PHE B 97 -13.42 1.33 -4.40
N GLU B 98 -14.22 1.66 -3.40
CA GLU B 98 -14.64 3.06 -3.24
C GLU B 98 -14.11 3.64 -1.93
N PRO B 99 -13.94 4.97 -1.84
CA PRO B 99 -13.46 5.38 -0.52
C PRO B 99 -14.53 5.21 0.61
N GLY B 100 -14.07 4.88 1.82
CA GLY B 100 -14.90 4.74 3.03
C GLY B 100 -14.57 3.56 3.95
N PRO B 101 -15.40 3.34 4.99
CA PRO B 101 -15.07 2.30 5.99
C PRO B 101 -15.02 0.92 5.29
N PRO B 102 -14.40 -0.14 5.91
CA PRO B 102 -14.46 -1.36 5.09
C PRO B 102 -15.86 -1.75 4.57
N ASP B 103 -15.91 -2.22 3.31
CA ASP B 103 -17.14 -2.81 2.85
C ASP B 103 -17.14 -4.31 3.22
N GLU B 104 -18.19 -5.02 2.87
CA GLU B 104 -18.37 -6.40 3.26
C GLU B 104 -17.27 -7.26 2.63
N ARG B 105 -16.76 -6.87 1.46
CA ARG B 105 -15.63 -7.62 0.85
C ARG B 105 -14.37 -7.46 1.69
N ALA B 106 -14.10 -6.25 2.12
CA ALA B 106 -12.90 -6.02 2.86
C ALA B 106 -13.04 -6.69 4.19
N ILE B 107 -14.23 -6.57 4.80
CA ILE B 107 -14.47 -7.17 6.08
C ILE B 107 -14.40 -8.70 6.01
N GLU B 108 -14.93 -9.31 4.96
CA GLU B 108 -14.77 -10.78 4.87
C GLU B 108 -13.36 -11.21 4.62
N LEU B 109 -12.63 -10.46 3.78
CA LEU B 109 -11.23 -10.82 3.58
C LEU B 109 -10.48 -10.70 4.92
N ALA B 110 -10.66 -9.62 5.67
CA ALA B 110 -9.88 -9.41 6.88
C ALA B 110 -10.19 -10.53 7.85
N ARG B 111 -11.46 -10.89 8.00
CA ARG B 111 -11.87 -11.83 8.97
C ARG B 111 -11.39 -13.21 8.64
N VAL B 112 -11.45 -13.62 7.38
CA VAL B 112 -11.09 -14.98 7.01
C VAL B 112 -9.61 -15.18 7.10
N ILE B 113 -8.85 -14.11 6.85
CA ILE B 113 -7.43 -14.19 6.89
C ILE B 113 -7.03 -14.26 8.37
N ASP B 114 -7.60 -13.37 9.17
CA ASP B 114 -7.43 -13.38 10.59
C ASP B 114 -7.78 -14.77 11.09
N ARG B 115 -8.97 -15.31 10.80
CA ARG B 115 -9.39 -16.62 11.42
C ARG B 115 -8.32 -17.69 11.14
N GLY B 116 -7.74 -17.56 9.95
CA GLY B 116 -6.70 -18.46 9.37
C GLY B 116 -5.53 -18.60 10.30
N ILE B 117 -5.12 -17.44 10.81
CA ILE B 117 -3.91 -17.27 11.52
C ILE B 117 -4.24 -17.44 12.98
N ARG B 118 -5.34 -16.82 13.41
CA ARG B 118 -5.71 -16.93 14.77
C ARG B 118 -6.06 -18.39 15.17
N GLU B 119 -6.71 -19.10 14.28
CA GLU B 119 -7.24 -20.36 14.73
C GLU B 119 -6.19 -21.45 14.57
N SER B 120 -5.16 -21.19 13.77
CA SER B 120 -4.07 -22.14 13.70
C SER B 120 -3.08 -21.83 14.80
N LYS B 121 -3.36 -20.81 15.61
CA LYS B 121 -2.39 -20.13 16.46
C LYS B 121 -1.08 -19.91 15.73
N ALA B 122 -1.15 -19.52 14.48
CA ALA B 122 0.09 -19.26 13.73
C ALA B 122 0.86 -18.12 14.35
N LEU B 123 0.15 -17.15 14.89
CA LEU B 123 0.78 -16.16 15.74
C LEU B 123 0.38 -16.56 17.13
N ASN B 124 1.33 -17.02 17.94
CA ASN B 124 0.99 -17.46 19.27
C ASN B 124 0.77 -16.29 20.29
N LEU B 125 -0.48 -15.96 20.57
CA LEU B 125 -0.78 -14.75 21.33
C LEU B 125 -0.38 -14.87 22.78
N GLU B 126 -0.20 -16.13 23.20
CA GLU B 126 0.28 -16.45 24.52
C GLU B 126 1.75 -16.15 24.69
N LYS B 127 2.51 -16.15 23.60
CA LYS B 127 3.93 -15.85 23.73
C LYS B 127 4.12 -14.35 23.50
N MET B 128 3.07 -13.60 23.79
CA MET B 128 3.08 -12.15 23.53
C MET B 128 2.57 -11.42 24.76
N VAL B 129 2.46 -12.12 25.88
CA VAL B 129 2.20 -11.47 27.15
C VAL B 129 3.49 -10.85 27.70
N ILE B 130 3.38 -9.65 28.29
CA ILE B 130 4.52 -9.03 28.94
C ILE B 130 4.28 -8.98 30.43
N VAL B 131 3.17 -8.36 30.84
CA VAL B 131 2.66 -8.49 32.21
C VAL B 131 1.27 -9.10 32.03
N PRO B 132 1.00 -10.30 32.61
CA PRO B 132 -0.36 -10.86 32.45
C PRO B 132 -1.50 -9.90 32.90
N GLY B 133 -2.45 -9.65 32.00
CA GLY B 133 -3.67 -8.93 32.38
C GLY B 133 -3.55 -7.43 32.23
N LYS B 134 -2.40 -6.99 31.74
CA LYS B 134 -2.02 -5.59 31.91
C LYS B 134 -1.27 -5.03 30.72
N ILE B 135 -0.32 -5.79 30.18
CA ILE B 135 0.57 -5.30 29.15
C ILE B 135 0.91 -6.42 28.19
N VAL B 136 0.32 -6.37 27.00
CA VAL B 136 0.61 -7.40 26.03
C VAL B 136 1.13 -6.80 24.74
N ARG B 137 1.71 -7.66 23.91
CA ARG B 137 2.12 -7.24 22.61
C ARG B 137 0.83 -7.09 21.81
N VAL B 138 0.71 -5.94 21.12
CA VAL B 138 -0.42 -5.73 20.19
C VAL B 138 0.01 -5.65 18.74
N VAL B 139 -0.57 -6.51 17.93
CA VAL B 139 -0.15 -6.72 16.56
C VAL B 139 -1.26 -6.35 15.57
N PHE B 140 -0.97 -5.31 14.81
CA PHE B 140 -1.83 -4.87 13.75
C PHE B 140 -1.42 -5.50 12.44
N ILE B 141 -2.32 -6.25 11.80
CA ILE B 141 -1.95 -6.75 10.48
C ILE B 141 -2.71 -5.81 9.54
N ASP B 142 -2.03 -4.89 8.85
CA ASP B 142 -2.80 -3.96 8.05
C ASP B 142 -2.51 -4.35 6.66
N VAL B 143 -3.57 -4.63 5.94
CA VAL B 143 -3.46 -5.13 4.59
C VAL B 143 -3.87 -4.01 3.66
N HIS B 144 -2.96 -3.63 2.75
CA HIS B 144 -3.20 -2.56 1.84
C HIS B 144 -3.25 -3.19 0.44
N VAL B 145 -4.45 -3.37 -0.15
CA VAL B 145 -4.55 -4.01 -1.49
C VAL B 145 -4.17 -2.93 -2.53
N LEU B 146 -3.13 -3.17 -3.36
CA LEU B 146 -2.69 -2.09 -4.25
C LEU B 146 -3.18 -2.29 -5.69
N ASP B 147 -3.67 -3.49 -6.06
CA ASP B 147 -4.03 -3.78 -7.44
C ASP B 147 -4.86 -5.05 -7.30
N HIS B 148 -6.15 -4.96 -7.59
CA HIS B 148 -7.04 -6.13 -7.55
C HIS B 148 -7.15 -6.68 -8.96
N ASP B 149 -6.50 -7.83 -9.14
CA ASP B 149 -6.66 -8.59 -10.37
C ASP B 149 -7.06 -10.03 -10.07
N GLY B 150 -7.85 -10.20 -9.03
CA GLY B 150 -8.35 -11.50 -8.69
C GLY B 150 -7.62 -12.14 -7.53
N ASN B 151 -8.38 -12.94 -6.80
CA ASN B 151 -7.93 -13.72 -5.71
C ASN B 151 -7.20 -12.93 -4.64
N LEU B 152 -7.90 -11.98 -4.03
CA LEU B 152 -7.35 -11.14 -3.00
C LEU B 152 -7.16 -11.98 -1.73
N MET B 153 -8.07 -12.92 -1.50
CA MET B 153 -7.99 -13.82 -0.42
C MET B 153 -6.65 -14.49 -0.26
N ASP B 154 -6.23 -15.26 -1.24
CA ASP B 154 -4.90 -15.87 -1.16
C ASP B 154 -3.77 -14.82 -1.10
N ALA B 155 -3.83 -13.81 -1.91
CA ALA B 155 -2.74 -12.81 -1.92
C ALA B 155 -2.56 -12.22 -0.55
N ILE B 156 -3.68 -11.90 0.11
CA ILE B 156 -3.66 -11.33 1.40
C ILE B 156 -3.19 -12.30 2.46
N GLY B 157 -3.63 -13.56 2.44
CA GLY B 157 -3.22 -14.48 3.45
C GLY B 157 -1.74 -14.71 3.32
N ILE B 158 -1.26 -14.80 2.09
CA ILE B 158 0.13 -15.15 1.82
C ILE B 158 0.94 -13.96 2.37
N ALA B 159 0.52 -12.75 2.02
CA ALA B 159 1.26 -11.57 2.46
C ALA B 159 1.12 -11.39 3.97
N ALA B 160 -0.04 -11.75 4.56
CA ALA B 160 -0.19 -11.59 6.01
C ALA B 160 0.78 -12.50 6.70
N ILE B 161 0.73 -13.79 6.40
CA ILE B 161 1.61 -14.66 7.04
C ILE B 161 3.09 -14.26 6.78
N ALA B 162 3.43 -13.94 5.54
CA ALA B 162 4.84 -13.65 5.25
C ALA B 162 5.33 -12.39 5.97
N ALA B 163 4.44 -11.41 6.13
CA ALA B 163 4.76 -10.22 6.92
C ALA B 163 4.94 -10.60 8.38
N LEU B 164 4.14 -11.54 8.91
CA LEU B 164 4.30 -11.99 10.29
C LEU B 164 5.66 -12.67 10.50
N LEU B 165 5.97 -13.55 9.57
CA LEU B 165 7.30 -14.21 9.57
C LEU B 165 8.43 -13.21 9.49
N ASN B 166 8.25 -12.18 8.67
CA ASN B 166 9.25 -11.09 8.50
C ASN B 166 9.46 -10.22 9.73
N ALA B 167 8.48 -10.26 10.65
CA ALA B 167 8.34 -9.23 11.67
C ALA B 167 9.48 -9.29 12.64
N ARG B 168 10.01 -8.13 12.97
CA ARG B 168 11.00 -8.03 14.01
C ARG B 168 10.58 -6.85 14.87
N VAL B 169 10.11 -7.24 16.06
CA VAL B 169 9.56 -6.40 17.08
C VAL B 169 10.57 -6.16 18.19
N PRO B 170 10.44 -5.02 18.89
CA PRO B 170 11.40 -4.68 19.95
C PRO B 170 11.28 -5.62 21.14
N LYS B 171 12.42 -6.22 21.53
CA LYS B 171 12.52 -6.98 22.76
C LYS B 171 12.03 -6.12 23.90
N VAL B 172 11.13 -6.67 24.67
CA VAL B 172 10.57 -5.93 25.77
C VAL B 172 10.90 -6.72 27.03
N ARG B 173 11.25 -6.04 28.12
CA ARG B 173 11.45 -6.73 29.39
C ARG B 173 10.81 -6.03 30.58
N TYR B 174 10.12 -6.80 31.41
CA TYR B 174 9.68 -6.38 32.72
C TYR B 174 10.77 -6.28 33.81
N ASN B 175 11.04 -5.05 34.25
CA ASN B 175 11.94 -4.78 35.34
C ASN B 175 11.30 -5.06 36.75
N GLU B 176 11.65 -6.16 37.38
CA GLU B 176 10.83 -6.58 38.49
C GLU B 176 11.17 -5.76 39.75
N GLU B 177 12.23 -4.95 39.67
CA GLU B 177 12.60 -4.05 40.74
C GLU B 177 11.93 -2.69 40.59
N THR B 178 11.54 -2.30 39.37
CA THR B 178 10.97 -0.97 39.17
C THR B 178 9.49 -1.01 38.79
N GLY B 179 9.06 -2.15 38.26
CA GLY B 179 7.76 -2.24 37.64
C GLY B 179 7.72 -1.64 36.24
N GLU B 180 8.80 -1.02 35.79
CA GLU B 180 8.96 -0.44 34.46
C GLU B 180 8.94 -1.52 33.40
N VAL B 181 8.40 -1.18 32.22
CA VAL B 181 8.56 -2.03 31.03
C VAL B 181 9.53 -1.33 30.07
N GLU B 182 10.63 -1.99 29.78
CA GLU B 182 11.72 -1.38 29.03
C GLU B 182 11.66 -1.95 27.62
N THR B 183 11.44 -1.08 26.64
CA THR B 183 11.48 -1.50 25.23
C THR B 183 12.95 -1.37 24.84
N LEU B 184 13.51 -2.48 24.39
CA LEU B 184 14.94 -2.54 24.04
C LEU B 184 15.14 -2.32 22.55
N ASP B 185 16.33 -1.86 22.18
CA ASP B 185 16.70 -1.66 20.78
C ASP B 185 16.66 -2.95 19.98
N GLU B 186 17.17 -4.02 20.60
CA GLU B 186 17.23 -5.35 20.03
C GLU B 186 15.83 -5.89 19.69
N THR B 187 15.74 -6.58 18.57
CA THR B 187 14.44 -7.02 18.11
C THR B 187 14.39 -8.54 18.07
N GLU B 188 13.23 -9.08 17.75
CA GLU B 188 13.07 -10.50 17.88
C GLU B 188 11.90 -10.84 17.02
N PRO B 189 11.88 -12.07 16.51
CA PRO B 189 10.69 -12.46 15.76
C PRO B 189 9.43 -12.39 16.63
N LEU B 190 8.28 -12.37 15.96
CA LEU B 190 6.99 -12.60 16.60
C LEU B 190 6.93 -14.16 16.81
N PRO B 191 6.22 -14.65 17.87
CA PRO B 191 6.02 -16.09 18.04
C PRO B 191 5.17 -16.67 16.91
N VAL B 192 5.74 -16.72 15.71
CA VAL B 192 4.98 -17.25 14.59
C VAL B 192 5.37 -18.72 14.48
N GLU B 193 4.40 -19.58 14.62
CA GLU B 193 4.69 -20.97 14.80
C GLU B 193 4.12 -21.85 13.70
N LYS B 194 3.30 -21.29 12.83
CA LYS B 194 2.72 -22.05 11.72
C LYS B 194 2.68 -21.14 10.53
N ILE B 195 2.39 -21.70 9.37
CA ILE B 195 2.24 -20.88 8.16
C ILE B 195 0.91 -21.23 7.46
N PRO B 196 -0.26 -20.70 7.96
CA PRO B 196 -1.48 -20.93 7.23
C PRO B 196 -1.45 -20.19 5.91
N VAL B 197 -1.93 -20.87 4.87
CA VAL B 197 -1.97 -20.30 3.52
C VAL B 197 -3.36 -20.50 2.94
N PRO B 198 -4.03 -19.38 2.53
CA PRO B 198 -5.32 -19.65 1.91
C PRO B 198 -5.09 -20.12 0.47
N VAL B 199 -5.77 -21.20 0.10
CA VAL B 199 -5.88 -21.52 -1.31
C VAL B 199 -7.32 -21.36 -1.74
N THR B 200 -7.55 -20.62 -2.82
CA THR B 200 -8.93 -20.32 -3.13
C THR B 200 -9.30 -20.78 -4.50
N PHE B 201 -10.48 -21.40 -4.64
CA PHE B 201 -11.01 -21.91 -5.93
C PHE B 201 -12.27 -21.15 -6.34
N ALA B 202 -12.35 -20.87 -7.66
CA ALA B 202 -13.56 -20.34 -8.33
C ALA B 202 -14.18 -21.53 -8.96
N LYS B 203 -15.45 -21.74 -8.65
CA LYS B 203 -16.27 -22.63 -9.38
C LYS B 203 -16.86 -21.89 -10.59
N ILE B 204 -16.65 -22.46 -11.78
CA ILE B 204 -17.18 -21.97 -13.06
C ILE B 204 -17.82 -23.17 -13.71
N GLY B 205 -19.14 -23.13 -13.75
CA GLY B 205 -19.92 -24.23 -14.26
C GLY B 205 -19.74 -25.34 -13.24
N ASN B 206 -19.20 -26.46 -13.73
CA ASN B 206 -18.90 -27.65 -12.95
C ASN B 206 -17.40 -27.86 -12.74
N ILE B 207 -16.63 -26.81 -12.98
CA ILE B 207 -15.17 -26.87 -12.86
C ILE B 207 -14.70 -25.94 -11.74
N LEU B 208 -13.75 -26.40 -10.89
CA LEU B 208 -13.07 -25.53 -9.96
C LEU B 208 -11.70 -25.25 -10.46
N VAL B 209 -11.25 -24.02 -10.30
CA VAL B 209 -9.99 -23.58 -10.91
C VAL B 209 -9.32 -22.79 -9.77
N VAL B 210 -8.02 -23.03 -9.51
CA VAL B 210 -7.35 -22.42 -8.34
C VAL B 210 -6.84 -21.00 -8.71
N ASP B 211 -6.71 -20.10 -7.75
CA ASP B 211 -6.25 -18.75 -8.01
C ASP B 211 -6.96 -18.15 -9.21
N PRO B 212 -8.26 -17.84 -9.05
CA PRO B 212 -9.05 -17.18 -10.08
C PRO B 212 -8.49 -15.78 -10.39
N SER B 213 -8.29 -15.43 -11.67
CA SER B 213 -8.02 -14.02 -11.95
C SER B 213 -9.33 -13.20 -11.92
N LEU B 214 -9.22 -11.88 -12.10
CA LEU B 214 -10.35 -10.99 -12.02
C LEU B 214 -11.37 -11.45 -13.06
N ASP B 215 -10.88 -11.76 -14.28
CA ASP B 215 -11.71 -12.24 -15.40
C ASP B 215 -12.46 -13.54 -15.06
N GLU B 216 -11.85 -14.36 -14.22
CA GLU B 216 -12.48 -15.62 -13.81
C GLU B 216 -13.43 -15.33 -12.67
N GLU B 217 -13.04 -14.42 -11.78
CA GLU B 217 -13.96 -13.94 -10.75
C GLU B 217 -15.18 -13.32 -11.35
N LEU B 218 -15.06 -12.54 -12.40
CA LEU B 218 -16.31 -12.01 -13.02
C LEU B 218 -17.36 -13.02 -13.53
N VAL B 219 -16.93 -14.22 -13.86
CA VAL B 219 -17.83 -15.20 -14.42
C VAL B 219 -18.09 -16.34 -13.45
N MET B 220 -17.40 -16.38 -12.34
CA MET B 220 -17.53 -17.53 -11.47
C MET B 220 -18.93 -17.68 -10.88
N ASP B 221 -19.28 -18.94 -10.53
CA ASP B 221 -20.55 -19.26 -9.88
C ASP B 221 -20.38 -18.92 -8.43
N GLY B 222 -19.24 -19.34 -7.88
CA GLY B 222 -18.98 -19.17 -6.45
C GLY B 222 -17.52 -19.44 -6.23
N LYS B 223 -17.08 -19.39 -4.96
CA LYS B 223 -15.69 -19.39 -4.61
C LYS B 223 -15.62 -20.15 -3.33
N ILE B 224 -14.55 -20.88 -3.11
CA ILE B 224 -14.34 -21.42 -1.79
C ILE B 224 -12.87 -21.33 -1.46
N THR B 225 -12.54 -21.00 -0.21
CA THR B 225 -11.14 -20.77 0.20
C THR B 225 -10.88 -21.73 1.31
N ILE B 226 -9.72 -22.39 1.26
CA ILE B 226 -9.34 -23.33 2.28
C ILE B 226 -7.96 -23.01 2.83
N THR B 227 -7.88 -22.70 4.10
CA THR B 227 -6.64 -22.32 4.64
C THR B 227 -6.12 -23.44 5.46
N THR B 228 -4.91 -23.86 5.19
CA THR B 228 -4.33 -24.98 5.87
C THR B 228 -2.88 -24.65 6.30
N ASP B 229 -2.36 -25.36 7.29
CA ASP B 229 -0.97 -25.10 7.72
C ASP B 229 -0.13 -26.36 7.41
N GLU B 230 1.17 -26.32 7.77
CA GLU B 230 2.14 -27.45 7.66
C GLU B 230 1.73 -28.73 8.38
N THR B 231 0.79 -28.66 9.32
CA THR B 231 0.53 -29.79 10.18
C THR B 231 -0.56 -30.62 9.56
N GLY B 232 -1.11 -30.15 8.47
CA GLY B 232 -2.13 -30.93 7.85
C GLY B 232 -3.46 -30.59 8.45
N HIS B 233 -3.57 -29.38 8.94
CA HIS B 233 -4.79 -28.90 9.58
C HIS B 233 -5.39 -27.79 8.76
N ILE B 234 -6.74 -27.72 8.82
CA ILE B 234 -7.48 -26.63 8.25
C ILE B 234 -7.78 -25.71 9.34
N SER B 235 -7.46 -24.45 9.14
CA SER B 235 -7.83 -23.40 10.13
C SER B 235 -8.77 -22.37 9.64
N ALA B 236 -9.27 -22.51 8.42
CA ALA B 236 -10.36 -21.63 7.94
C ALA B 236 -10.88 -22.29 6.74
N VAL B 237 -12.19 -22.20 6.58
CA VAL B 237 -12.85 -22.44 5.31
C VAL B 237 -13.88 -21.34 5.18
N GLN B 238 -14.00 -20.90 3.95
CA GLN B 238 -14.95 -19.92 3.58
C GLN B 238 -15.38 -20.15 2.12
N LYS B 239 -16.61 -20.56 1.93
CA LYS B 239 -17.28 -20.51 0.63
C LYS B 239 -17.74 -19.07 0.68
N SER B 240 -17.42 -18.33 -0.40
CA SER B 240 -17.73 -16.92 -0.51
C SER B 240 -18.49 -16.71 -1.83
N GLU B 241 -19.17 -15.59 -1.92
CA GLU B 241 -20.06 -15.30 -3.05
C GLU B 241 -21.26 -16.31 -3.13
N GLY B 242 -21.95 -16.32 -4.27
CA GLY B 242 -23.04 -17.22 -4.50
C GLY B 242 -22.57 -18.60 -5.02
N GLY B 243 -23.43 -19.23 -5.79
CA GLY B 243 -23.16 -20.55 -6.27
C GLY B 243 -23.32 -21.59 -5.17
N ALA B 244 -22.92 -22.82 -5.48
CA ALA B 244 -23.11 -23.95 -4.59
C ALA B 244 -21.99 -24.88 -4.94
N PHE B 245 -21.47 -25.58 -3.95
CA PHE B 245 -20.48 -26.61 -4.18
C PHE B 245 -21.08 -27.95 -3.83
N LYS B 246 -20.58 -28.98 -4.47
CA LYS B 246 -20.94 -30.36 -4.15
C LYS B 246 -19.99 -30.74 -3.02
N LEU B 247 -20.39 -31.69 -2.17
CA LEU B 247 -19.49 -32.24 -1.15
C LEU B 247 -18.16 -32.68 -1.75
N GLU B 248 -18.20 -33.47 -2.82
CA GLU B 248 -16.99 -33.89 -3.50
C GLU B 248 -16.20 -32.72 -4.06
N GLU B 249 -16.84 -31.64 -4.44
CA GLU B 249 -16.06 -30.42 -4.81
C GLU B 249 -15.25 -29.89 -3.69
N VAL B 250 -15.89 -29.89 -2.53
CA VAL B 250 -15.30 -29.40 -1.31
C VAL B 250 -14.10 -30.31 -0.88
N MET B 251 -14.33 -31.61 -0.89
CA MET B 251 -13.30 -32.61 -0.62
C MET B 251 -12.02 -32.42 -1.44
N TYR B 252 -12.18 -32.38 -2.77
CA TYR B 252 -11.15 -32.05 -3.76
C TYR B 252 -10.46 -30.76 -3.39
N ALA B 253 -11.26 -29.74 -3.10
CA ALA B 253 -10.67 -28.43 -2.81
C ALA B 253 -9.77 -28.48 -1.56
N VAL B 254 -10.16 -29.27 -0.56
CA VAL B 254 -9.39 -29.35 0.67
C VAL B 254 -8.07 -30.04 0.34
N GLU B 255 -8.16 -31.15 -0.39
CA GLU B 255 -6.99 -31.88 -0.82
C GLU B 255 -6.02 -31.02 -1.63
N THR B 256 -6.51 -30.46 -2.74
CA THR B 256 -5.76 -29.61 -3.61
C THR B 256 -5.14 -28.42 -2.90
N ALA B 257 -5.93 -27.79 -2.03
CA ALA B 257 -5.51 -26.66 -1.19
C ALA B 257 -4.24 -26.96 -0.37
N PHE B 258 -4.19 -28.18 0.20
CA PHE B 258 -3.06 -28.66 1.01
C PHE B 258 -1.81 -28.73 0.18
N LYS B 259 -2.01 -29.14 -1.07
CA LYS B 259 -0.96 -29.32 -2.04
C LYS B 259 -0.48 -27.98 -2.51
N LYS B 260 -1.39 -27.09 -2.82
CA LYS B 260 -1.01 -25.74 -3.24
C LYS B 260 -0.37 -24.88 -2.13
N ALA B 261 -1.00 -24.93 -0.95
CA ALA B 261 -0.47 -24.33 0.27
C ALA B 261 0.99 -24.70 0.45
N GLU B 262 1.30 -25.99 0.36
CA GLU B 262 2.66 -26.40 0.56
C GLU B 262 3.60 -25.76 -0.43
N GLU B 263 3.21 -25.73 -1.72
CA GLU B 263 4.01 -25.06 -2.77
C GLU B 263 4.18 -23.57 -2.46
N ILE B 264 3.12 -22.94 -1.97
CA ILE B 264 3.18 -21.54 -1.55
C ILE B 264 4.06 -21.29 -0.33
N ARG B 265 3.92 -22.14 0.71
CA ARG B 265 4.68 -22.00 1.96
C ARG B 265 6.14 -22.06 1.69
N LYS B 266 6.56 -22.92 0.77
CA LYS B 266 7.95 -22.91 0.29
C LYS B 266 8.38 -21.55 -0.30
N LEU B 267 7.53 -20.87 -1.06
CA LEU B 267 7.90 -19.58 -1.62
C LEU B 267 7.93 -18.49 -0.54
N ILE B 268 7.01 -18.58 0.42
CA ILE B 268 6.96 -17.68 1.55
C ILE B 268 8.26 -17.79 2.37
N LEU B 269 8.53 -18.98 2.87
CA LEU B 269 9.70 -19.18 3.71
C LEU B 269 10.99 -18.74 2.98
N GLU B 270 11.05 -19.02 1.67
CA GLU B 270 12.20 -18.64 0.83
C GLU B 270 12.35 -17.15 0.79
N ALA B 271 11.22 -16.46 0.74
CA ALA B 271 11.18 -14.98 0.67
C ALA B 271 11.55 -14.39 2.01
N VAL B 272 10.98 -14.96 3.07
CA VAL B 272 11.36 -14.65 4.45
C VAL B 272 12.86 -14.76 4.72
N GLU B 273 13.49 -15.83 4.23
CA GLU B 273 14.90 -16.07 4.42
C GLU B 273 15.79 -15.16 3.58
N LYS B 274 15.39 -14.92 2.34
CA LYS B 274 16.03 -13.94 1.48
C LYS B 274 16.21 -12.58 2.12
N ALA B 275 15.25 -12.16 2.94
CA ALA B 275 15.25 -10.80 3.50
C ALA B 275 16.14 -10.68 4.74
N LYS B 276 16.71 -11.81 5.15
CA LYS B 276 17.72 -11.87 6.20
C LYS B 276 19.18 -11.90 5.65
N GLN B 277 19.36 -12.14 4.35
CA GLN B 277 20.71 -12.13 3.70
C GLN B 277 21.37 -10.75 3.66
#